data_9CKS
#
_entry.id   9CKS
#
_cell.length_a   137.825
_cell.length_b   137.825
_cell.length_c   71.289
_cell.angle_alpha   90.000
_cell.angle_beta   90.000
_cell.angle_gamma   90.000
#
_symmetry.space_group_name_H-M   'P 41 21 2'
#
loop_
_entity.id
_entity.type
_entity.pdbx_description
1 polymer 'G protein-coupled receptor kinase 5'
2 non-polymer 'PHOSPHATE ION'
3 non-polymer 'MANGANESE (II) ION'
4 non-polymer "ADENOSINE-5'-TRIPHOSPHATE"
5 water water
#
_entity_poly.entity_id   1
_entity_poly.type   'polypeptide(L)'
_entity_poly.pdbx_seq_one_letter_code
;MELENIVANTVLLKAREGGGGKRKGKSKKWKEILKFPHISQCEDLRRTIDRDYCSLCDKQPIGRLLFRQFCETRPGLECY
IQFLDSVAEYEVTPDEKLGEKGKEIMTKYLTPKSPVFIAQVGQDLVSQTEEKLLQKPCKELFSACAQSVHEYLRGEPFHE
YLDSMFFDRFLQWKWLERQPVTKNTFRQYRVLGKGGFGEVCACQVRATGKMYACKRLEKKRIKKRKGESMALNEKQILEK
VNSQFVVNLAYAYETKDALCLVLTIMNGGDLKFHIYNMGNPGFEEERALFYAAEILCGLEDLHRENTVYRNLKPENILLD
DYGHIRISDLGLAVKIPEGDLIRGRVGTVGYMAPEVLNNQRYGLSPDYWGLGCLIYEMIEGQSPFRGRKEKVKREEVDRR
VLETEEVYSHKFSEEAKSICKMLLTKDAKQRLGCQEEGAAEVKRHPFFRNMNFKRLEAGMLDPPFVPDPRAVYCKDVLDI
EQFSTVKGVNLDHTDDDFYSKFSTGSVSIPWQNEMIETECFKELNVFGPNGTLPPDLNRNHPPEPPKKGLLQRLFKRQHQ
NNSKSSPSSKTSFNHHINSNHVSSNSTGSSVDHHHHHH
;
_entity_poly.pdbx_strand_id   A
#
loop_
_chem_comp.id
_chem_comp.type
_chem_comp.name
_chem_comp.formula
ATP non-polymer ADENOSINE-5'-TRIPHOSPHATE 'C10 H16 N5 O13 P3'
MN non-polymer 'MANGANESE (II) ION' 'Mn 2'
PO4 non-polymer 'PHOSPHATE ION' 'O4 P -3'
#
# COMPACT_ATOMS: atom_id res chain seq x y z
N GLY A 25 15.29 -17.69 -8.43
CA GLY A 25 15.93 -18.12 -7.19
C GLY A 25 15.11 -19.12 -6.41
N LYS A 26 14.12 -19.73 -7.08
CA LYS A 26 13.26 -20.70 -6.42
C LYS A 26 14.02 -22.00 -6.17
N SER A 27 13.55 -22.75 -5.19
CA SER A 27 14.12 -24.07 -4.93
C SER A 27 13.93 -24.97 -6.15
N LYS A 28 14.71 -26.04 -6.20
CA LYS A 28 14.62 -26.96 -7.33
C LYS A 28 13.30 -27.72 -7.32
N LYS A 29 12.72 -27.96 -6.13
CA LYS A 29 11.43 -28.61 -6.01
C LYS A 29 10.32 -27.62 -5.65
N TRP A 30 10.44 -26.37 -6.11
CA TRP A 30 9.44 -25.37 -5.77
C TRP A 30 8.06 -25.73 -6.31
N LYS A 31 8.01 -26.42 -7.45
CA LYS A 31 6.73 -26.83 -8.00
C LYS A 31 6.04 -27.88 -7.14
N GLU A 32 6.79 -28.60 -6.30
CA GLU A 32 6.20 -29.53 -5.35
C GLU A 32 5.73 -28.84 -4.07
N ILE A 33 6.47 -27.84 -3.61
CA ILE A 33 6.07 -27.10 -2.41
C ILE A 33 4.74 -26.40 -2.65
N LEU A 34 4.62 -25.70 -3.77
CA LEU A 34 3.40 -24.99 -4.14
C LEU A 34 2.48 -25.84 -5.02
N LYS A 35 2.51 -27.16 -4.86
CA LYS A 35 1.67 -28.03 -5.66
C LYS A 35 0.21 -27.90 -5.24
N PHE A 36 -0.67 -27.70 -6.20
CA PHE A 36 -2.08 -27.57 -5.89
C PHE A 36 -2.58 -28.81 -5.16
N PRO A 37 -3.41 -28.64 -4.13
CA PRO A 37 -4.11 -29.80 -3.56
C PRO A 37 -5.27 -30.21 -4.44
N HIS A 38 -5.64 -31.48 -4.35
CA HIS A 38 -6.81 -31.95 -5.07
C HIS A 38 -8.04 -31.17 -4.62
N ILE A 39 -8.92 -30.85 -5.57
CA ILE A 39 -10.07 -30.00 -5.27
C ILE A 39 -10.89 -30.56 -4.12
N SER A 40 -10.83 -31.87 -3.88
CA SER A 40 -11.55 -32.45 -2.74
C SER A 40 -11.00 -31.96 -1.40
N GLN A 41 -9.77 -31.43 -1.38
CA GLN A 41 -9.17 -30.94 -0.16
C GLN A 41 -9.64 -29.53 0.21
N CYS A 42 -10.42 -28.88 -0.64
CA CYS A 42 -10.85 -27.50 -0.44
C CYS A 42 -12.32 -27.39 -0.06
N GLU A 43 -12.92 -28.49 0.42
CA GLU A 43 -14.35 -28.47 0.69
C GLU A 43 -14.68 -27.62 1.91
N ASP A 44 -13.79 -27.56 2.90
CA ASP A 44 -14.01 -26.71 4.06
C ASP A 44 -13.73 -25.24 3.76
N LEU A 45 -12.90 -24.95 2.76
CA LEU A 45 -12.75 -23.57 2.31
C LEU A 45 -14.01 -23.10 1.59
N ARG A 46 -14.54 -23.94 0.69
CA ARG A 46 -15.71 -23.54 -0.09
C ARG A 46 -16.89 -23.18 0.80
N ARG A 47 -17.00 -23.80 1.97
CA ARG A 47 -18.15 -23.60 2.84
C ARG A 47 -17.99 -22.45 3.83
N THR A 48 -16.83 -21.82 3.89
CA THR A 48 -16.60 -20.71 4.80
C THR A 48 -16.28 -19.40 4.10
N ILE A 49 -15.63 -19.44 2.93
CA ILE A 49 -15.29 -18.20 2.24
C ILE A 49 -16.56 -17.43 1.91
N ASP A 50 -16.48 -16.11 2.01
CA ASP A 50 -17.59 -15.22 1.69
C ASP A 50 -17.60 -14.93 0.19
N ARG A 51 -18.76 -15.16 -0.44
CA ARG A 51 -18.90 -14.96 -1.88
C ARG A 51 -19.23 -13.49 -2.17
N ASP A 52 -18.25 -12.64 -1.90
CA ASP A 52 -18.34 -11.21 -2.18
C ASP A 52 -17.64 -10.91 -3.49
N TYR A 53 -18.31 -10.18 -4.38
CA TYR A 53 -17.76 -9.91 -5.70
C TYR A 53 -16.44 -9.15 -5.60
N CYS A 54 -16.45 -8.02 -4.90
CA CYS A 54 -15.25 -7.18 -4.86
C CYS A 54 -14.07 -7.92 -4.24
N SER A 55 -14.32 -8.82 -3.29
CA SER A 55 -13.22 -9.49 -2.62
C SER A 55 -12.64 -10.62 -3.46
N LEU A 56 -13.50 -11.38 -4.16
CA LEU A 56 -13.05 -12.54 -4.92
C LEU A 56 -12.72 -12.22 -6.38
N CYS A 57 -13.04 -11.02 -6.86
CA CYS A 57 -12.79 -10.65 -8.25
C CYS A 57 -12.04 -9.34 -8.39
N ASP A 58 -11.55 -8.75 -7.30
CA ASP A 58 -10.86 -7.46 -7.40
C ASP A 58 -9.82 -7.29 -6.31
N LYS A 59 -10.26 -7.21 -5.05
CA LYS A 59 -9.33 -6.98 -3.94
C LYS A 59 -8.22 -8.03 -3.93
N GLN A 60 -8.58 -9.30 -4.07
CA GLN A 60 -7.61 -10.37 -4.03
C GLN A 60 -6.98 -10.55 -5.39
N PRO A 61 -5.66 -10.35 -5.55
CA PRO A 61 -5.07 -10.37 -6.90
C PRO A 61 -5.33 -11.65 -7.66
N ILE A 62 -5.01 -12.80 -7.07
CA ILE A 62 -5.18 -14.07 -7.77
C ILE A 62 -6.66 -14.33 -8.07
N GLY A 63 -7.54 -13.95 -7.13
CA GLY A 63 -8.96 -14.06 -7.39
C GLY A 63 -9.39 -13.19 -8.57
N ARG A 64 -8.87 -11.97 -8.65
CA ARG A 64 -9.18 -11.09 -9.76
C ARG A 64 -8.75 -11.72 -11.09
N LEU A 65 -7.50 -12.19 -11.17
CA LEU A 65 -7.01 -12.75 -12.42
C LEU A 65 -7.86 -13.95 -12.87
N LEU A 66 -8.31 -14.76 -11.92
CA LEU A 66 -9.06 -15.95 -12.28
C LEU A 66 -10.43 -15.60 -12.83
N PHE A 67 -11.10 -14.62 -12.23
CA PHE A 67 -12.38 -14.17 -12.78
C PHE A 67 -12.20 -13.58 -14.17
N ARG A 68 -11.19 -12.73 -14.33
CA ARG A 68 -10.87 -12.22 -15.66
C ARG A 68 -10.62 -13.38 -16.62
N GLN A 69 -9.85 -14.37 -16.20
CA GLN A 69 -9.59 -15.53 -17.04
C GLN A 69 -10.87 -16.31 -17.32
N PHE A 70 -11.83 -16.28 -16.39
CA PHE A 70 -13.13 -16.90 -16.66
C PHE A 70 -13.90 -16.11 -17.70
N CYS A 71 -13.92 -14.78 -17.59
CA CYS A 71 -14.58 -13.95 -18.59
C CYS A 71 -13.92 -14.07 -19.95
N GLU A 72 -12.65 -14.49 -20.00
CA GLU A 72 -12.00 -14.67 -21.28
C GLU A 72 -12.51 -15.90 -22.03
N THR A 73 -13.01 -16.90 -21.30
CA THR A 73 -13.58 -18.08 -21.95
C THR A 73 -14.88 -17.74 -22.64
N ARG A 74 -15.90 -17.35 -21.88
CA ARG A 74 -17.16 -16.95 -22.46
C ARG A 74 -16.95 -15.72 -23.35
N PRO A 75 -17.47 -15.71 -24.59
CA PRO A 75 -17.18 -14.58 -25.48
C PRO A 75 -17.99 -13.34 -25.13
N GLY A 76 -19.17 -13.53 -24.54
CA GLY A 76 -20.01 -12.41 -24.18
C GLY A 76 -19.45 -11.53 -23.09
N LEU A 77 -18.57 -12.08 -22.25
CA LEU A 77 -17.95 -11.32 -21.17
C LEU A 77 -16.58 -10.77 -21.54
N GLU A 78 -16.02 -11.18 -22.68
CA GLU A 78 -14.69 -10.73 -23.06
C GLU A 78 -14.63 -9.21 -23.18
N CYS A 79 -15.61 -8.62 -23.87
CA CYS A 79 -15.57 -7.19 -24.14
C CYS A 79 -15.62 -6.37 -22.84
N TYR A 80 -16.33 -6.86 -21.83
CA TYR A 80 -16.45 -6.10 -20.59
C TYR A 80 -15.09 -5.96 -19.90
N ILE A 81 -14.25 -6.98 -19.99
CA ILE A 81 -12.92 -6.89 -19.40
C ILE A 81 -12.04 -5.94 -20.21
N GLN A 82 -12.08 -6.07 -21.54
CA GLN A 82 -11.33 -5.15 -22.38
C GLN A 82 -11.74 -3.71 -22.11
N PHE A 83 -13.04 -3.47 -21.93
CA PHE A 83 -13.53 -2.12 -21.70
C PHE A 83 -12.96 -1.54 -20.42
N LEU A 84 -13.15 -2.26 -19.29
CA LEU A 84 -12.65 -1.76 -18.02
C LEU A 84 -11.16 -1.48 -18.08
N ASP A 85 -10.40 -2.31 -18.80
CA ASP A 85 -8.97 -2.06 -18.96
C ASP A 85 -8.72 -0.71 -19.63
N SER A 86 -9.40 -0.46 -20.75
CA SER A 86 -9.21 0.82 -21.44
C SER A 86 -9.66 1.99 -20.58
N VAL A 87 -10.58 1.76 -19.65
CA VAL A 87 -10.98 2.82 -18.72
C VAL A 87 -9.86 3.10 -17.73
N ALA A 88 -9.19 2.05 -17.24
CA ALA A 88 -8.06 2.25 -16.34
C ALA A 88 -6.96 3.07 -17.00
N GLU A 89 -6.74 2.84 -18.30
CA GLU A 89 -5.72 3.61 -19.02
C GLU A 89 -6.15 5.07 -19.19
N TYR A 90 -7.46 5.32 -19.26
CA TYR A 90 -7.92 6.69 -19.45
C TYR A 90 -7.77 7.52 -18.17
N GLU A 91 -8.01 6.91 -17.01
CA GLU A 91 -7.92 7.65 -15.76
C GLU A 91 -6.53 8.23 -15.54
N VAL A 92 -5.48 7.53 -15.99
CA VAL A 92 -4.12 7.99 -15.83
C VAL A 92 -3.58 8.64 -17.09
N THR A 93 -4.36 8.67 -18.17
CA THR A 93 -3.91 9.30 -19.41
C THR A 93 -3.49 10.74 -19.13
N PRO A 94 -2.39 11.22 -19.72
CA PRO A 94 -2.00 12.62 -19.53
C PRO A 94 -3.15 13.56 -19.85
N ASP A 95 -3.20 14.67 -19.13
CA ASP A 95 -4.32 15.60 -19.26
C ASP A 95 -4.54 16.00 -20.72
N GLU A 96 -3.46 16.11 -21.51
CA GLU A 96 -3.61 16.51 -22.90
C GLU A 96 -4.22 15.40 -23.74
N LYS A 97 -3.75 14.16 -23.56
CA LYS A 97 -4.20 13.03 -24.36
C LYS A 97 -5.55 12.49 -23.93
N LEU A 98 -6.22 13.13 -22.96
CA LEU A 98 -7.53 12.65 -22.54
C LEU A 98 -8.54 12.73 -23.69
N GLY A 99 -8.54 13.83 -24.43
CA GLY A 99 -9.48 13.97 -25.53
C GLY A 99 -9.29 12.91 -26.60
N GLU A 100 -8.05 12.49 -26.84
CA GLU A 100 -7.79 11.48 -27.86
C GLU A 100 -8.20 10.09 -27.38
N LYS A 101 -7.87 9.75 -26.14
CA LYS A 101 -8.25 8.45 -25.61
C LYS A 101 -9.77 8.32 -25.47
N GLY A 102 -10.47 9.44 -25.34
CA GLY A 102 -11.93 9.38 -25.19
C GLY A 102 -12.63 8.90 -26.46
N LYS A 103 -12.13 9.32 -27.62
CA LYS A 103 -12.74 8.91 -28.88
C LYS A 103 -12.39 7.47 -29.23
N GLU A 104 -11.18 7.02 -28.86
CA GLU A 104 -10.80 5.64 -29.11
C GLU A 104 -11.72 4.68 -28.38
N ILE A 105 -11.97 4.93 -27.10
CA ILE A 105 -12.83 4.05 -26.33
C ILE A 105 -14.25 4.02 -26.90
N MET A 106 -14.76 5.18 -27.32
CA MET A 106 -16.10 5.25 -27.88
C MET A 106 -16.21 4.38 -29.13
N THR A 107 -15.36 4.64 -30.12
CA THR A 107 -15.50 3.98 -31.42
C THR A 107 -15.36 2.46 -31.32
N LYS A 108 -14.84 1.94 -30.21
CA LYS A 108 -14.62 0.50 -30.06
C LYS A 108 -15.66 -0.16 -29.17
N TYR A 109 -15.88 0.37 -27.96
CA TYR A 109 -16.74 -0.27 -26.98
C TYR A 109 -18.13 0.34 -26.91
N LEU A 110 -18.28 1.63 -27.15
CA LEU A 110 -19.55 2.33 -26.98
C LEU A 110 -20.20 2.67 -28.32
N THR A 111 -19.96 1.84 -29.34
CA THR A 111 -20.64 1.93 -30.62
C THR A 111 -21.33 0.61 -30.90
N PRO A 112 -22.66 0.58 -31.09
CA PRO A 112 -23.35 -0.71 -31.21
C PRO A 112 -22.79 -1.64 -32.27
N LYS A 113 -22.43 -1.12 -33.44
CA LYS A 113 -22.01 -1.98 -34.54
C LYS A 113 -20.66 -2.63 -34.26
N SER A 114 -19.79 -1.98 -33.50
CA SER A 114 -18.45 -2.48 -33.23
C SER A 114 -18.50 -3.91 -32.74
N PRO A 115 -17.44 -4.70 -32.95
CA PRO A 115 -17.46 -6.11 -32.53
C PRO A 115 -17.58 -6.25 -31.02
N VAL A 116 -16.62 -5.70 -30.28
CA VAL A 116 -16.63 -5.75 -28.82
C VAL A 116 -17.41 -4.51 -28.35
N PHE A 117 -18.67 -4.72 -28.00
CA PHE A 117 -19.56 -3.65 -27.58
C PHE A 117 -20.27 -4.06 -26.30
N ILE A 118 -19.98 -3.37 -25.20
CA ILE A 118 -20.70 -3.62 -23.96
C ILE A 118 -22.15 -3.18 -24.12
N ALA A 119 -23.08 -4.10 -23.85
CA ALA A 119 -24.50 -3.85 -24.04
C ALA A 119 -25.23 -3.50 -22.75
N GLN A 120 -24.79 -4.03 -21.61
CA GLN A 120 -25.45 -3.79 -20.33
C GLN A 120 -25.28 -2.36 -19.84
N VAL A 121 -24.54 -1.52 -20.56
CA VAL A 121 -24.38 -0.13 -20.13
C VAL A 121 -25.66 0.66 -20.35
N GLY A 122 -26.44 0.30 -21.36
CA GLY A 122 -27.68 0.98 -21.65
C GLY A 122 -27.55 2.00 -22.76
N GLN A 123 -28.60 2.13 -23.59
CA GLN A 123 -28.56 3.08 -24.70
C GLN A 123 -28.59 4.52 -24.22
N ASP A 124 -29.03 4.78 -22.98
CA ASP A 124 -29.09 6.15 -22.49
C ASP A 124 -27.73 6.61 -21.97
N LEU A 125 -27.06 5.76 -21.18
CA LEU A 125 -25.78 6.16 -20.59
C LEU A 125 -24.70 6.35 -21.64
N VAL A 126 -24.83 5.73 -22.82
CA VAL A 126 -23.86 5.95 -23.88
C VAL A 126 -24.08 7.33 -24.51
N SER A 127 -25.35 7.73 -24.66
CA SER A 127 -25.63 9.08 -25.16
C SER A 127 -25.16 10.14 -24.15
N GLN A 128 -25.16 9.81 -22.86
CA GLN A 128 -24.66 10.74 -21.86
C GLN A 128 -23.15 10.90 -21.97
N THR A 129 -22.44 9.79 -22.26
CA THR A 129 -20.99 9.87 -22.42
C THR A 129 -20.60 10.76 -23.60
N GLU A 130 -21.46 10.83 -24.62
CA GLU A 130 -21.16 11.67 -25.77
C GLU A 130 -21.15 13.15 -25.39
N GLU A 131 -22.06 13.56 -24.51
CA GLU A 131 -22.10 14.96 -24.08
C GLU A 131 -20.92 15.29 -23.17
N LYS A 132 -20.54 14.35 -22.30
CA LYS A 132 -19.37 14.55 -21.44
C LYS A 132 -18.12 14.77 -22.28
N LEU A 133 -17.98 14.03 -23.38
CA LEU A 133 -16.82 14.20 -24.26
C LEU A 133 -16.83 15.58 -24.90
N LEU A 134 -18.00 16.08 -25.28
CA LEU A 134 -18.07 17.38 -25.95
C LEU A 134 -17.71 18.52 -25.01
N GLN A 135 -18.02 18.38 -23.72
CA GLN A 135 -17.70 19.41 -22.73
C GLN A 135 -16.41 19.06 -22.00
N LYS A 136 -15.30 19.20 -22.74
CA LYS A 136 -13.96 19.00 -22.20
C LYS A 136 -13.75 17.54 -21.80
N PRO A 137 -12.51 17.04 -21.79
CA PRO A 137 -12.27 15.67 -21.34
C PRO A 137 -11.89 15.60 -19.86
N CYS A 138 -12.69 14.92 -19.06
CA CYS A 138 -12.43 14.72 -17.64
C CYS A 138 -11.97 13.30 -17.40
N LYS A 139 -11.01 13.14 -16.47
CA LYS A 139 -10.48 11.81 -16.19
C LYS A 139 -11.57 10.85 -15.72
N GLU A 140 -12.58 11.35 -15.01
CA GLU A 140 -13.68 10.53 -14.53
C GLU A 140 -14.80 10.43 -15.54
N LEU A 141 -14.46 10.37 -16.83
CA LEU A 141 -15.48 10.30 -17.87
C LEU A 141 -16.24 8.98 -17.80
N PHE A 142 -15.54 7.86 -17.98
CA PHE A 142 -16.17 6.54 -18.01
C PHE A 142 -16.44 5.98 -16.62
N SER A 143 -16.23 6.76 -15.57
CA SER A 143 -16.51 6.27 -14.22
C SER A 143 -17.96 5.83 -14.09
N ALA A 144 -18.88 6.48 -14.80
CA ALA A 144 -20.28 6.09 -14.73
C ALA A 144 -20.53 4.77 -15.46
N CYS A 145 -19.82 4.56 -16.58
CA CYS A 145 -20.01 3.33 -17.34
C CYS A 145 -19.34 2.14 -16.65
N ALA A 146 -18.18 2.36 -16.02
CA ALA A 146 -17.49 1.27 -15.35
C ALA A 146 -18.33 0.71 -14.21
N GLN A 147 -18.90 1.59 -13.38
CA GLN A 147 -19.78 1.14 -12.31
C GLN A 147 -21.00 0.41 -12.85
N SER A 148 -21.40 0.67 -14.10
CA SER A 148 -22.49 -0.07 -14.71
C SER A 148 -22.03 -1.45 -15.20
N VAL A 149 -20.78 -1.57 -15.62
CA VAL A 149 -20.25 -2.87 -16.05
C VAL A 149 -20.05 -3.78 -14.84
N HIS A 150 -19.62 -3.21 -13.72
CA HIS A 150 -19.43 -4.01 -12.52
C HIS A 150 -20.76 -4.51 -11.97
N GLU A 151 -21.76 -3.63 -11.89
CA GLU A 151 -23.04 -4.02 -11.34
C GLU A 151 -23.66 -5.18 -12.13
N TYR A 152 -23.29 -5.31 -13.41
CA TYR A 152 -23.74 -6.45 -14.19
C TYR A 152 -22.94 -7.70 -13.86
N LEU A 153 -21.62 -7.56 -13.73
CA LEU A 153 -20.78 -8.72 -13.41
C LEU A 153 -21.06 -9.24 -12.01
N ARG A 154 -21.57 -8.39 -11.12
CA ARG A 154 -21.87 -8.84 -9.76
C ARG A 154 -22.99 -9.87 -9.72
N GLY A 155 -23.76 -10.00 -10.81
CA GLY A 155 -24.89 -10.91 -10.83
C GLY A 155 -24.60 -12.25 -11.46
N GLU A 156 -25.16 -12.48 -12.64
CA GLU A 156 -25.04 -13.80 -13.28
C GLU A 156 -23.59 -14.14 -13.59
N PRO A 157 -22.78 -13.26 -14.18
CA PRO A 157 -21.40 -13.66 -14.50
C PRO A 157 -20.61 -14.09 -13.28
N PHE A 158 -20.81 -13.44 -12.13
CA PHE A 158 -20.09 -13.82 -10.92
C PHE A 158 -20.53 -15.20 -10.43
N HIS A 159 -21.84 -15.44 -10.39
CA HIS A 159 -22.32 -16.72 -9.88
C HIS A 159 -21.95 -17.88 -10.79
N GLU A 160 -21.84 -17.63 -12.10
CA GLU A 160 -21.32 -18.67 -12.98
C GLU A 160 -19.86 -18.95 -12.68
N TYR A 161 -19.07 -17.90 -12.44
CA TYR A 161 -17.67 -18.08 -12.09
C TYR A 161 -17.53 -18.86 -10.78
N LEU A 162 -18.41 -18.61 -9.83
CA LEU A 162 -18.35 -19.34 -8.56
C LEU A 162 -18.48 -20.84 -8.77
N ASP A 163 -19.25 -21.26 -9.79
CA ASP A 163 -19.41 -22.67 -10.08
C ASP A 163 -18.39 -23.18 -11.10
N SER A 164 -17.71 -22.27 -11.81
CA SER A 164 -16.76 -22.68 -12.83
C SER A 164 -15.52 -23.32 -12.20
N MET A 165 -14.71 -23.95 -13.06
CA MET A 165 -13.47 -24.56 -12.58
C MET A 165 -12.50 -23.51 -12.05
N PHE A 166 -12.59 -22.28 -12.56
CA PHE A 166 -11.64 -21.25 -12.14
C PHE A 166 -11.75 -20.97 -10.65
N PHE A 167 -12.98 -20.95 -10.12
CA PHE A 167 -13.16 -20.75 -8.69
C PHE A 167 -12.61 -21.93 -7.91
N ASP A 168 -12.76 -23.15 -8.44
CA ASP A 168 -12.11 -24.30 -7.84
C ASP A 168 -10.60 -24.10 -7.81
N ARG A 169 -10.04 -23.58 -8.89
CA ARG A 169 -8.61 -23.29 -8.91
C ARG A 169 -8.27 -22.19 -7.89
N PHE A 170 -9.15 -21.21 -7.74
CA PHE A 170 -8.95 -20.19 -6.71
C PHE A 170 -8.90 -20.82 -5.32
N LEU A 171 -9.81 -21.76 -5.05
CA LEU A 171 -9.81 -22.45 -3.76
C LEU A 171 -8.48 -23.13 -3.51
N GLN A 172 -7.89 -23.73 -4.56
CA GLN A 172 -6.58 -24.36 -4.40
C GLN A 172 -5.52 -23.31 -4.06
N TRP A 173 -5.65 -22.10 -4.60
CA TRP A 173 -4.70 -21.04 -4.26
C TRP A 173 -4.89 -20.57 -2.83
N LYS A 174 -6.15 -20.53 -2.36
CA LYS A 174 -6.39 -20.18 -0.97
C LYS A 174 -5.84 -21.25 -0.04
N TRP A 175 -6.00 -22.52 -0.41
CA TRP A 175 -5.47 -23.60 0.42
C TRP A 175 -3.97 -23.44 0.64
N LEU A 176 -3.24 -23.10 -0.42
CA LEU A 176 -1.81 -22.85 -0.27
C LEU A 176 -1.55 -21.63 0.62
N GLU A 177 -2.31 -20.56 0.39
CA GLU A 177 -2.12 -19.32 1.15
C GLU A 177 -2.14 -19.60 2.65
N ARG A 178 -3.15 -20.32 3.11
CA ARG A 178 -3.38 -20.51 4.54
C ARG A 178 -2.49 -21.60 5.15
N GLN A 179 -1.46 -22.06 4.44
CA GLN A 179 -0.60 -23.10 4.98
C GLN A 179 0.29 -22.56 6.08
N PRO A 180 0.85 -23.44 6.91
CA PRO A 180 1.69 -22.96 8.02
C PRO A 180 2.93 -22.26 7.51
N VAL A 181 3.23 -21.11 8.12
CA VAL A 181 4.44 -20.35 7.84
C VAL A 181 5.39 -20.55 9.00
N THR A 182 6.56 -21.13 8.72
CA THR A 182 7.53 -21.42 9.76
C THR A 182 8.92 -20.93 9.38
N LYS A 183 9.93 -21.24 10.19
CA LYS A 183 11.28 -20.82 9.87
C LYS A 183 11.75 -21.43 8.55
N ASN A 184 11.42 -22.69 8.31
CA ASN A 184 11.87 -23.38 7.10
C ASN A 184 11.24 -22.83 5.83
N THR A 185 10.31 -21.89 5.93
CA THR A 185 9.68 -21.32 4.74
C THR A 185 10.54 -20.24 4.09
N PHE A 186 11.53 -19.71 4.79
CA PHE A 186 12.36 -18.62 4.31
C PHE A 186 13.83 -19.04 4.26
N ARG A 187 14.67 -18.10 3.83
CA ARG A 187 16.12 -18.30 3.73
C ARG A 187 16.79 -17.00 4.20
N GLN A 188 16.96 -16.88 5.51
CA GLN A 188 17.51 -15.67 6.11
C GLN A 188 18.93 -15.41 5.60
N TYR A 189 19.14 -14.24 5.01
CA TYR A 189 20.49 -13.80 4.65
C TYR A 189 21.01 -12.85 5.74
N ARG A 190 21.64 -11.75 5.35
CA ARG A 190 22.17 -10.80 6.32
C ARG A 190 22.13 -9.40 5.73
N VAL A 191 21.49 -8.47 6.46
CA VAL A 191 21.48 -7.06 6.09
C VAL A 191 21.51 -6.24 7.37
N LEU A 192 21.34 -4.92 7.23
CA LEU A 192 21.45 -4.03 8.37
C LEU A 192 20.16 -4.04 9.21
N GLY A 193 20.29 -3.58 10.45
CA GLY A 193 19.14 -3.41 11.31
C GLY A 193 19.39 -3.79 12.75
N LYS A 194 18.91 -2.95 13.67
CA LYS A 194 18.97 -3.26 15.10
C LYS A 194 17.98 -2.32 15.81
N GLY A 195 16.75 -2.78 15.94
CA GLY A 195 15.69 -1.99 16.55
C GLY A 195 15.69 -2.11 18.07
N GLY A 196 14.59 -1.61 18.65
CA GLY A 196 14.46 -1.62 20.09
C GLY A 196 14.26 -2.99 20.69
N PHE A 197 13.79 -3.95 19.89
CA PHE A 197 13.54 -5.31 20.37
C PHE A 197 14.39 -6.37 19.68
N GLY A 198 15.06 -6.04 18.58
CA GLY A 198 15.87 -7.03 17.88
C GLY A 198 16.59 -6.47 16.68
N GLU A 199 16.83 -7.31 15.68
CA GLU A 199 17.55 -6.94 14.47
C GLU A 199 16.70 -7.28 13.25
N VAL A 200 17.23 -6.94 12.07
CA VAL A 200 16.54 -7.15 10.81
C VAL A 200 17.46 -7.94 9.89
N CYS A 201 16.87 -8.85 9.10
CA CYS A 201 17.61 -9.67 8.16
C CYS A 201 16.88 -9.69 6.82
N ALA A 202 17.60 -10.14 5.79
CA ALA A 202 17.05 -10.22 4.43
C ALA A 202 16.60 -11.67 4.20
N CYS A 203 15.34 -11.93 4.49
CA CYS A 203 14.77 -13.26 4.29
C CYS A 203 14.23 -13.39 2.87
N GLN A 204 14.48 -14.55 2.25
CA GLN A 204 14.02 -14.85 0.91
C GLN A 204 13.11 -16.07 0.96
N VAL A 205 11.91 -15.95 0.39
CA VAL A 205 10.99 -17.07 0.33
C VAL A 205 11.58 -18.14 -0.57
N ARG A 206 11.79 -19.33 -0.03
CA ARG A 206 12.47 -20.39 -0.77
C ARG A 206 11.65 -20.84 -1.97
N ALA A 207 10.34 -21.07 -1.77
CA ALA A 207 9.52 -21.60 -2.85
C ALA A 207 9.39 -20.61 -4.00
N THR A 208 9.41 -19.31 -3.71
CA THR A 208 9.20 -18.29 -4.72
C THR A 208 10.44 -17.44 -5.01
N GLY A 209 11.37 -17.36 -4.07
CA GLY A 209 12.56 -16.57 -4.26
C GLY A 209 12.40 -15.08 -4.03
N LYS A 210 11.22 -14.63 -3.60
CA LYS A 210 11.01 -13.20 -3.40
C LYS A 210 11.79 -12.70 -2.19
N MET A 211 12.43 -11.55 -2.36
CA MET A 211 13.18 -10.92 -1.28
C MET A 211 12.23 -10.15 -0.37
N TYR A 212 12.52 -10.21 0.94
CA TYR A 212 11.74 -9.52 1.95
C TYR A 212 12.69 -8.95 2.99
N ALA A 213 12.11 -8.37 4.05
CA ALA A 213 12.86 -7.88 5.20
C ALA A 213 12.24 -8.45 6.45
N CYS A 214 13.01 -9.24 7.21
CA CYS A 214 12.53 -9.90 8.41
C CYS A 214 12.89 -9.08 9.63
N LYS A 215 11.89 -8.76 10.44
CA LYS A 215 12.07 -7.97 11.66
C LYS A 215 11.95 -8.92 12.85
N ARG A 216 13.08 -9.39 13.35
CA ARG A 216 13.10 -10.31 14.49
C ARG A 216 12.78 -9.56 15.77
N LEU A 217 11.81 -10.07 16.52
CA LEU A 217 11.45 -9.55 17.84
C LEU A 217 11.76 -10.63 18.87
N GLU A 218 12.85 -10.45 19.61
CA GLU A 218 13.28 -11.46 20.57
C GLU A 218 12.21 -11.67 21.63
N LYS A 219 12.18 -12.89 22.19
CA LYS A 219 11.11 -13.28 23.10
C LYS A 219 11.28 -12.64 24.48
N LYS A 220 12.47 -12.78 25.06
CA LYS A 220 12.67 -12.34 26.43
C LYS A 220 12.46 -10.84 26.58
N ARG A 221 12.97 -10.05 25.63
CA ARG A 221 12.93 -8.60 25.76
C ARG A 221 11.50 -8.06 25.78
N ILE A 222 10.53 -8.83 25.30
CA ILE A 222 9.15 -8.35 25.25
C ILE A 222 8.43 -8.59 26.57
N LYS A 223 8.61 -9.76 27.18
CA LYS A 223 7.87 -10.08 28.40
C LYS A 223 8.26 -9.15 29.54
N LYS A 224 9.57 -8.92 29.73
CA LYS A 224 10.00 -8.09 30.85
C LYS A 224 9.66 -6.63 30.66
N ARG A 225 9.53 -6.18 29.40
CA ARG A 225 9.24 -4.78 29.10
C ARG A 225 7.76 -4.51 28.88
N LYS A 226 6.90 -5.51 29.07
CA LYS A 226 5.47 -5.36 28.82
C LYS A 226 5.21 -4.80 27.42
N GLY A 227 5.87 -5.40 26.44
CA GLY A 227 5.72 -5.02 25.05
C GLY A 227 4.76 -5.86 24.25
N GLU A 228 4.06 -6.81 24.90
CA GLU A 228 3.15 -7.67 24.16
C GLU A 228 2.04 -6.87 23.48
N SER A 229 1.62 -5.76 24.08
CA SER A 229 0.54 -4.97 23.51
C SER A 229 1.02 -4.10 22.35
N MET A 230 2.23 -3.55 22.45
CA MET A 230 2.76 -2.70 21.40
C MET A 230 3.32 -3.50 20.23
N ALA A 231 3.73 -4.76 20.45
CA ALA A 231 4.18 -5.59 19.35
C ALA A 231 3.00 -6.17 18.57
N LEU A 232 1.98 -6.64 19.28
CA LEU A 232 0.78 -7.12 18.60
C LEU A 232 0.05 -5.97 17.90
N ASN A 233 0.02 -4.80 18.54
CA ASN A 233 -0.57 -3.63 17.90
C ASN A 233 0.15 -3.30 16.60
N GLU A 234 1.49 -3.33 16.61
CA GLU A 234 2.24 -3.02 15.40
C GLU A 234 1.99 -4.06 14.31
N LYS A 235 1.84 -5.33 14.69
CA LYS A 235 1.59 -6.36 13.70
C LYS A 235 0.22 -6.19 13.06
N GLN A 236 -0.82 -6.03 13.89
CA GLN A 236 -2.17 -5.87 13.36
C GLN A 236 -2.28 -4.66 12.45
N ILE A 237 -1.63 -3.55 12.82
CA ILE A 237 -1.67 -2.36 11.98
C ILE A 237 -0.91 -2.61 10.67
N LEU A 238 0.17 -3.38 10.72
CA LEU A 238 0.97 -3.62 9.53
C LEU A 238 0.22 -4.50 8.52
N GLU A 239 -0.58 -5.45 8.99
CA GLU A 239 -1.34 -6.29 8.06
C GLU A 239 -2.61 -5.59 7.61
N LYS A 240 -3.24 -4.82 8.50
CA LYS A 240 -4.50 -4.14 8.19
C LYS A 240 -4.33 -2.97 7.24
N VAL A 241 -3.15 -2.75 6.66
CA VAL A 241 -2.94 -1.66 5.71
C VAL A 241 -2.16 -2.23 4.53
N ASN A 242 -2.68 -2.02 3.32
CA ASN A 242 -2.03 -2.42 2.08
C ASN A 242 -1.94 -1.19 1.20
N SER A 243 -0.78 -0.55 1.20
CA SER A 243 -0.55 0.67 0.43
C SER A 243 0.79 0.55 -0.27
N GLN A 244 0.86 1.13 -1.47
CA GLN A 244 2.12 1.17 -2.22
C GLN A 244 3.14 2.11 -1.58
N PHE A 245 2.75 2.86 -0.54
CA PHE A 245 3.62 3.85 0.08
C PHE A 245 3.80 3.60 1.58
N VAL A 246 3.59 2.36 2.02
CA VAL A 246 3.81 1.97 3.41
C VAL A 246 4.31 0.54 3.42
N VAL A 247 5.21 0.23 4.35
CA VAL A 247 5.74 -1.12 4.43
C VAL A 247 4.59 -2.08 4.73
N ASN A 248 4.42 -3.09 3.88
CA ASN A 248 3.35 -4.07 4.05
C ASN A 248 3.87 -5.29 4.80
N LEU A 249 2.93 -6.01 5.42
CA LEU A 249 3.22 -7.24 6.14
C LEU A 249 2.79 -8.41 5.28
N ALA A 250 3.74 -9.29 4.97
CA ALA A 250 3.48 -10.47 4.16
C ALA A 250 3.37 -11.74 4.99
N TYR A 251 4.18 -11.88 6.05
CA TYR A 251 4.14 -13.05 6.90
C TYR A 251 4.41 -12.64 8.35
N ALA A 252 3.79 -13.35 9.27
CA ALA A 252 3.99 -13.16 10.71
C ALA A 252 3.99 -14.53 11.36
N TYR A 253 5.17 -15.04 11.68
CA TYR A 253 5.34 -16.37 12.24
C TYR A 253 6.17 -16.29 13.51
N GLU A 254 6.31 -17.43 14.18
CA GLU A 254 7.11 -17.54 15.39
C GLU A 254 8.15 -18.64 15.20
N THR A 255 9.29 -18.46 15.87
CA THR A 255 10.36 -19.45 15.87
C THR A 255 10.74 -19.77 17.31
N LYS A 256 11.77 -20.61 17.46
CA LYS A 256 12.19 -21.06 18.78
C LYS A 256 12.93 -19.98 19.56
N ASP A 257 13.14 -18.79 18.99
CA ASP A 257 13.96 -17.77 19.63
C ASP A 257 13.42 -16.35 19.53
N ALA A 258 12.40 -16.09 18.72
CA ALA A 258 11.91 -14.73 18.52
C ALA A 258 10.61 -14.79 17.74
N LEU A 259 10.05 -13.61 17.47
CA LEU A 259 8.87 -13.45 16.62
C LEU A 259 9.26 -12.63 15.41
N CYS A 260 8.94 -13.13 14.22
CA CYS A 260 9.38 -12.52 12.97
C CYS A 260 8.24 -11.74 12.32
N LEU A 261 8.59 -10.62 11.70
CA LEU A 261 7.68 -9.83 10.88
C LEU A 261 8.32 -9.67 9.50
N VAL A 262 7.72 -10.29 8.49
CA VAL A 262 8.24 -10.23 7.14
C VAL A 262 7.63 -9.00 6.47
N LEU A 263 8.47 -8.01 6.17
CA LEU A 263 8.03 -6.73 5.63
C LEU A 263 8.68 -6.49 4.28
N THR A 264 8.14 -5.48 3.57
CA THR A 264 8.71 -5.09 2.29
C THR A 264 10.16 -4.70 2.46
N ILE A 265 10.98 -5.01 1.46
CA ILE A 265 12.40 -4.71 1.50
C ILE A 265 12.64 -3.37 0.83
N MET A 266 13.48 -2.54 1.46
CA MET A 266 13.83 -1.21 0.96
C MET A 266 15.35 -1.11 0.97
N ASN A 267 15.97 -1.21 -0.21
CA ASN A 267 17.42 -1.20 -0.33
C ASN A 267 17.98 0.13 -0.83
N GLY A 268 17.16 1.17 -0.88
CA GLY A 268 17.61 2.45 -1.38
C GLY A 268 17.89 3.45 -0.28
N GLY A 269 18.28 2.98 0.89
CA GLY A 269 18.55 3.86 2.01
C GLY A 269 17.32 4.61 2.46
N ASP A 270 17.47 5.48 3.45
CA ASP A 270 16.37 6.27 3.98
C ASP A 270 16.47 7.71 3.51
N LEU A 271 15.44 8.49 3.83
CA LEU A 271 15.36 9.87 3.33
C LEU A 271 16.30 10.80 4.07
N LYS A 272 16.57 10.55 5.35
CA LYS A 272 17.50 11.40 6.08
C LYS A 272 18.88 11.35 5.47
N PHE A 273 19.32 10.16 5.04
CA PHE A 273 20.62 10.05 4.40
C PHE A 273 20.68 10.86 3.11
N HIS A 274 19.59 10.85 2.34
CA HIS A 274 19.59 11.54 1.06
C HIS A 274 19.44 13.05 1.21
N ILE A 275 18.80 13.51 2.27
CA ILE A 275 18.69 14.95 2.50
C ILE A 275 20.04 15.55 2.80
N TYR A 276 20.85 14.88 3.61
CA TYR A 276 22.09 15.45 4.15
C TYR A 276 23.34 14.84 3.50
N ASN A 277 23.56 13.53 3.64
CA ASN A 277 24.75 12.92 3.04
C ASN A 277 24.69 13.01 1.53
N MET A 278 23.60 12.55 0.93
CA MET A 278 23.44 12.61 -0.52
C MET A 278 22.90 13.98 -0.94
N GLY A 279 23.02 14.27 -2.23
CA GLY A 279 22.54 15.55 -2.71
C GLY A 279 23.19 16.70 -1.96
N ASN A 280 22.63 17.88 -2.20
CA ASN A 280 23.03 19.08 -1.49
C ASN A 280 22.43 19.02 -0.08
N PRO A 281 22.65 20.06 0.75
CA PRO A 281 22.11 20.02 2.12
C PRO A 281 20.62 19.69 2.16
N GLY A 282 19.92 19.85 1.04
CA GLY A 282 18.54 19.44 0.93
C GLY A 282 18.21 18.84 -0.43
N PHE A 283 16.96 18.99 -0.86
CA PHE A 283 16.52 18.60 -2.18
C PHE A 283 16.03 19.82 -2.94
N GLU A 284 15.77 19.63 -4.23
CA GLU A 284 15.14 20.68 -5.02
C GLU A 284 13.65 20.76 -4.67
N GLU A 285 13.03 21.87 -5.10
CA GLU A 285 11.59 22.03 -4.92
C GLU A 285 10.84 20.86 -5.52
N GLU A 286 11.01 20.63 -6.82
CA GLU A 286 10.25 19.59 -7.50
C GLU A 286 10.56 18.22 -6.91
N ARG A 287 11.83 17.93 -6.63
CA ARG A 287 12.19 16.64 -6.06
C ARG A 287 11.48 16.40 -4.74
N ALA A 288 11.52 17.39 -3.84
CA ALA A 288 10.82 17.24 -2.57
C ALA A 288 9.32 17.08 -2.77
N LEU A 289 8.78 17.68 -3.82
CA LEU A 289 7.35 17.55 -4.11
C LEU A 289 6.99 16.09 -4.37
N PHE A 290 7.81 15.39 -5.15
CA PHE A 290 7.53 13.98 -5.42
C PHE A 290 7.47 13.17 -4.14
N TYR A 291 8.53 13.25 -3.32
CA TYR A 291 8.56 12.49 -2.08
C TYR A 291 7.43 12.93 -1.15
N ALA A 292 7.09 14.22 -1.16
CA ALA A 292 5.97 14.68 -0.35
C ALA A 292 4.65 14.09 -0.84
N ALA A 293 4.51 13.96 -2.17
CA ALA A 293 3.27 13.42 -2.72
C ALA A 293 3.06 11.98 -2.27
N GLU A 294 4.09 11.14 -2.38
CA GLU A 294 3.95 9.74 -2.02
C GLU A 294 3.79 9.56 -0.51
N ILE A 295 4.42 10.42 0.29
CA ILE A 295 4.19 10.37 1.73
C ILE A 295 2.74 10.74 2.03
N LEU A 296 2.22 11.78 1.35
CA LEU A 296 0.84 12.17 1.56
C LEU A 296 -0.10 11.03 1.22
N CYS A 297 0.16 10.31 0.13
CA CYS A 297 -0.65 9.15 -0.22
C CYS A 297 -0.54 8.06 0.83
N GLY A 298 0.68 7.80 1.32
CA GLY A 298 0.86 6.82 2.37
C GLY A 298 0.01 7.13 3.59
N LEU A 299 -0.01 8.41 4.01
CA LEU A 299 -0.82 8.80 5.16
C LEU A 299 -2.30 8.65 4.88
N GLU A 300 -2.73 8.95 3.65
CA GLU A 300 -4.14 8.78 3.30
C GLU A 300 -4.56 7.33 3.44
N ASP A 301 -3.71 6.39 3.02
CA ASP A 301 -4.03 4.98 3.13
C ASP A 301 -4.09 4.53 4.58
N LEU A 302 -3.24 5.10 5.44
CA LEU A 302 -3.32 4.79 6.86
C LEU A 302 -4.57 5.38 7.49
N HIS A 303 -4.97 6.56 7.04
CA HIS A 303 -6.13 7.24 7.63
C HIS A 303 -7.45 6.64 7.17
N ARG A 304 -7.47 5.90 6.06
CA ARG A 304 -8.66 5.14 5.72
C ARG A 304 -8.91 4.01 6.72
N GLU A 305 -7.87 3.57 7.43
CA GLU A 305 -8.02 2.68 8.58
C GLU A 305 -8.08 3.46 9.90
N ASN A 306 -8.29 4.77 9.85
CA ASN A 306 -8.34 5.62 11.03
C ASN A 306 -7.18 5.33 11.96
N THR A 307 -6.01 5.12 11.37
CA THR A 307 -4.78 4.80 12.11
C THR A 307 -3.82 5.96 11.96
N VAL A 308 -3.37 6.51 13.08
CA VAL A 308 -2.43 7.63 13.10
C VAL A 308 -1.02 7.07 13.21
N TYR A 309 -0.07 7.76 12.57
CA TYR A 309 1.31 7.29 12.51
C TYR A 309 2.15 7.87 13.64
N ARG A 310 2.15 9.19 13.80
CA ARG A 310 2.76 9.92 14.91
C ARG A 310 4.29 9.86 14.90
N ASN A 311 4.92 9.24 13.91
CA ASN A 311 6.36 9.05 13.89
C ASN A 311 6.94 9.48 12.55
N LEU A 312 6.41 10.56 11.97
CA LEU A 312 6.85 11.00 10.66
C LEU A 312 8.13 11.80 10.82
N LYS A 313 9.25 11.19 10.46
CA LYS A 313 10.57 11.81 10.50
C LYS A 313 11.34 11.38 9.27
N PRO A 314 12.39 12.11 8.90
CA PRO A 314 13.10 11.79 7.65
C PRO A 314 13.65 10.37 7.59
N GLU A 315 14.26 9.89 8.67
CA GLU A 315 14.90 8.58 8.63
C GLU A 315 13.90 7.42 8.66
N ASN A 316 12.60 7.70 8.72
CA ASN A 316 11.57 6.67 8.66
C ASN A 316 10.84 6.68 7.33
N ILE A 317 11.40 7.34 6.32
CA ILE A 317 10.86 7.34 4.95
C ILE A 317 11.91 6.65 4.09
N LEU A 318 11.74 5.34 3.89
CA LEU A 318 12.73 4.53 3.19
C LEU A 318 12.48 4.57 1.69
N LEU A 319 13.56 4.45 0.92
CA LEU A 319 13.50 4.36 -0.52
C LEU A 319 13.70 2.91 -0.96
N ASP A 320 12.97 2.50 -1.98
CA ASP A 320 13.07 1.14 -2.50
C ASP A 320 14.13 1.11 -3.61
N ASP A 321 14.09 0.08 -4.45
CA ASP A 321 15.10 -0.07 -5.49
C ASP A 321 14.87 0.88 -6.66
N TYR A 322 13.62 1.28 -6.91
CA TYR A 322 13.29 2.08 -8.07
C TYR A 322 13.28 3.57 -7.80
N GLY A 323 13.37 3.99 -6.54
CA GLY A 323 13.38 5.40 -6.18
C GLY A 323 12.14 5.87 -5.47
N HIS A 324 11.11 5.03 -5.34
CA HIS A 324 9.90 5.39 -4.62
C HIS A 324 10.10 5.22 -3.13
N ILE A 325 9.16 5.77 -2.35
CA ILE A 325 9.30 5.81 -0.90
C ILE A 325 8.14 5.06 -0.26
N ARG A 326 8.39 4.56 0.94
CA ARG A 326 7.36 3.96 1.78
C ARG A 326 7.58 4.42 3.22
N ILE A 327 6.48 4.58 3.94
CA ILE A 327 6.54 4.94 5.36
C ILE A 327 6.80 3.67 6.15
N SER A 328 7.88 3.66 6.94
CA SER A 328 8.23 2.52 7.77
C SER A 328 8.34 2.97 9.23
N ASP A 329 8.39 1.99 10.14
CA ASP A 329 8.46 2.23 11.58
C ASP A 329 7.08 2.55 12.13
N LEU A 330 6.12 1.64 11.91
CA LEU A 330 4.75 1.82 12.37
C LEU A 330 4.54 1.34 13.80
N GLY A 331 5.60 1.17 14.58
CA GLY A 331 5.45 0.74 15.95
C GLY A 331 4.84 1.81 16.83
N LEU A 332 5.12 3.07 16.53
CA LEU A 332 4.56 4.20 17.26
C LEU A 332 3.18 4.59 16.74
N ALA A 333 2.55 3.75 15.92
CA ALA A 333 1.22 4.03 15.40
C ALA A 333 0.16 3.46 16.34
N VAL A 334 -1.10 3.85 16.08
CA VAL A 334 -2.23 3.36 16.86
C VAL A 334 -3.49 3.60 16.05
N LYS A 335 -4.44 2.67 16.16
CA LYS A 335 -5.72 2.77 15.49
C LYS A 335 -6.70 3.51 16.40
N ILE A 336 -7.22 4.62 15.90
CA ILE A 336 -8.17 5.44 16.67
C ILE A 336 -9.59 5.02 16.31
N PRO A 337 -10.45 4.71 17.28
CA PRO A 337 -11.85 4.44 16.95
C PRO A 337 -12.49 5.65 16.28
N GLU A 338 -13.28 5.39 15.26
CA GLU A 338 -13.94 6.47 14.53
C GLU A 338 -14.76 7.32 15.49
N GLY A 339 -14.60 8.63 15.39
CA GLY A 339 -15.34 9.55 16.25
C GLY A 339 -14.81 9.65 17.66
N ASP A 340 -13.53 9.34 17.87
CA ASP A 340 -12.92 9.42 19.19
C ASP A 340 -11.50 9.91 19.06
N LEU A 341 -10.96 10.43 20.16
CA LEU A 341 -9.60 10.94 20.21
C LEU A 341 -8.78 10.14 21.22
N ILE A 342 -7.46 10.22 21.06
CA ILE A 342 -6.52 9.53 21.94
C ILE A 342 -5.50 10.53 22.44
N ARG A 343 -4.90 10.22 23.60
CA ARG A 343 -3.91 11.07 24.24
C ARG A 343 -2.58 10.32 24.32
N GLY A 344 -1.48 11.07 24.28
CA GLY A 344 -0.17 10.47 24.39
C GLY A 344 0.96 11.36 23.91
N ARG A 345 1.91 11.66 24.80
CA ARG A 345 3.09 12.46 24.45
C ARG A 345 4.17 11.49 23.98
N VAL A 346 4.13 11.12 22.70
CA VAL A 346 5.07 10.17 22.14
C VAL A 346 5.56 10.70 20.79
N GLY A 347 6.78 10.31 20.44
CA GLY A 347 7.39 10.74 19.21
C GLY A 347 8.86 11.09 19.44
N THR A 348 9.39 11.90 18.54
CA THR A 348 10.78 12.32 18.60
C THR A 348 10.85 13.84 18.76
N VAL A 349 11.85 14.30 19.51
CA VAL A 349 12.02 15.72 19.72
C VAL A 349 12.06 16.44 18.38
N GLY A 350 11.34 17.56 18.30
CA GLY A 350 11.31 18.37 17.10
C GLY A 350 10.27 17.95 16.08
N TYR A 351 9.82 16.69 16.11
CA TYR A 351 8.81 16.19 15.20
C TYR A 351 7.51 15.85 15.92
N MET A 352 7.29 16.42 17.10
CA MET A 352 6.07 16.22 17.86
C MET A 352 5.19 17.46 17.74
N ALA A 353 3.94 17.26 17.32
CA ALA A 353 3.02 18.36 17.15
C ALA A 353 2.71 19.01 18.50
N PRO A 354 2.33 20.29 18.50
CA PRO A 354 2.05 20.95 19.79
C PRO A 354 1.00 20.23 20.61
N GLU A 355 -0.06 19.72 19.99
CA GLU A 355 -1.07 18.99 20.74
C GLU A 355 -0.49 17.72 21.37
N VAL A 356 0.56 17.17 20.75
CA VAL A 356 1.24 16.03 21.35
C VAL A 356 2.18 16.49 22.47
N LEU A 357 2.92 17.58 22.23
CA LEU A 357 3.79 18.11 23.26
C LEU A 357 3.01 18.51 24.51
N ASN A 358 1.83 19.10 24.32
CA ASN A 358 0.98 19.49 25.44
C ASN A 358 0.21 18.32 26.04
N ASN A 359 0.28 17.14 25.43
CA ASN A 359 -0.39 15.95 25.93
C ASN A 359 -1.90 16.17 26.02
N GLN A 360 -2.50 16.32 24.85
CA GLN A 360 -3.92 16.57 24.72
C GLN A 360 -4.58 15.44 23.93
N ARG A 361 -5.91 15.47 23.89
CA ARG A 361 -6.67 14.50 23.11
C ARG A 361 -6.61 14.92 21.64
N TYR A 362 -5.88 14.16 20.84
CA TYR A 362 -5.70 14.46 19.42
C TYR A 362 -6.17 13.28 18.58
N GLY A 363 -6.35 13.55 17.29
CA GLY A 363 -6.74 12.53 16.35
C GLY A 363 -5.64 12.22 15.35
N LEU A 364 -5.90 12.51 14.08
CA LEU A 364 -4.93 12.28 13.02
C LEU A 364 -4.07 13.50 12.73
N SER A 365 -4.32 14.62 13.40
CA SER A 365 -3.64 15.87 13.05
C SER A 365 -2.12 15.80 13.17
N PRO A 366 -1.54 15.08 14.14
CA PRO A 366 -0.06 15.08 14.24
C PRO A 366 0.64 14.64 12.97
N ASP A 367 0.00 13.79 12.16
CA ASP A 367 0.64 13.32 10.94
C ASP A 367 0.78 14.43 9.91
N TYR A 368 -0.16 15.37 9.86
CA TYR A 368 -0.04 16.49 8.93
C TYR A 368 0.96 17.53 9.42
N TRP A 369 1.12 17.66 10.74
CA TRP A 369 2.23 18.45 11.27
C TRP A 369 3.56 17.88 10.79
N GLY A 370 3.79 16.58 11.06
CA GLY A 370 5.01 15.95 10.60
C GLY A 370 5.22 16.09 9.10
N LEU A 371 4.12 16.08 8.34
CA LEU A 371 4.24 16.29 6.89
C LEU A 371 4.81 17.67 6.59
N GLY A 372 4.35 18.69 7.33
CA GLY A 372 4.96 20.00 7.18
C GLY A 372 6.44 19.99 7.49
N CYS A 373 6.83 19.27 8.55
CA CYS A 373 8.24 19.17 8.90
C CYS A 373 9.04 18.50 7.78
N LEU A 374 8.48 17.46 7.16
CA LEU A 374 9.18 16.75 6.10
C LEU A 374 9.35 17.62 4.87
N ILE A 375 8.29 18.33 4.47
CA ILE A 375 8.39 19.20 3.30
C ILE A 375 9.40 20.31 3.56
N TYR A 376 9.30 20.94 4.74
CA TYR A 376 10.25 22.00 5.09
C TYR A 376 11.68 21.48 5.08
N GLU A 377 11.91 20.32 5.69
CA GLU A 377 13.28 19.84 5.87
C GLU A 377 13.90 19.37 4.57
N MET A 378 13.08 18.91 3.62
CA MET A 378 13.62 18.51 2.33
C MET A 378 14.00 19.72 1.48
N ILE A 379 13.22 20.79 1.55
CA ILE A 379 13.47 21.95 0.71
C ILE A 379 14.60 22.81 1.27
N GLU A 380 14.61 23.02 2.58
CA GLU A 380 15.61 23.88 3.20
C GLU A 380 16.89 23.14 3.55
N GLY A 381 16.78 21.93 4.09
CA GLY A 381 17.93 21.18 4.55
C GLY A 381 18.12 21.15 6.05
N GLN A 382 17.12 21.57 6.83
CA GLN A 382 17.21 21.55 8.28
C GLN A 382 15.80 21.55 8.85
N SER A 383 15.69 21.13 10.11
CA SER A 383 14.41 21.13 10.77
C SER A 383 13.86 22.55 10.85
N PRO A 384 12.54 22.73 10.79
CA PRO A 384 11.99 24.10 10.85
C PRO A 384 12.25 24.81 12.16
N PHE A 385 12.51 24.08 13.24
CA PHE A 385 12.75 24.68 14.55
C PHE A 385 14.09 24.31 15.16
N ARG A 386 14.93 23.57 14.43
CA ARG A 386 16.26 23.19 14.92
C ARG A 386 17.22 23.30 13.74
N GLY A 387 18.04 24.35 13.73
CA GLY A 387 19.04 24.47 12.69
C GLY A 387 19.97 23.29 12.64
N ARG A 388 20.59 23.09 11.48
CA ARG A 388 21.56 22.03 11.32
C ARG A 388 22.85 22.31 12.09
N LYS A 389 23.10 23.58 12.41
CA LYS A 389 24.27 23.97 13.20
C LYS A 389 23.97 24.15 14.67
N GLU A 390 22.71 24.42 15.04
CA GLU A 390 22.38 24.77 16.41
C GLU A 390 22.53 23.57 17.33
N LYS A 391 23.22 23.79 18.45
CA LYS A 391 23.29 22.84 19.55
C LYS A 391 22.34 23.35 20.62
N VAL A 392 21.07 22.96 20.50
CA VAL A 392 20.01 23.47 21.36
C VAL A 392 19.48 22.34 22.22
N LYS A 393 19.01 22.70 23.41
CA LYS A 393 18.46 21.73 24.35
C LYS A 393 17.07 21.28 23.91
N ARG A 394 16.64 20.14 24.47
CA ARG A 394 15.35 19.57 24.11
C ARG A 394 14.20 20.48 24.53
N GLU A 395 14.43 21.41 25.45
CA GLU A 395 13.36 22.29 25.90
C GLU A 395 13.16 23.48 24.96
N GLU A 396 14.23 23.97 24.35
CA GLU A 396 14.10 25.10 23.43
C GLU A 396 13.42 24.67 22.14
N VAL A 397 13.72 23.46 21.66
CA VAL A 397 13.03 22.94 20.48
C VAL A 397 11.53 22.89 20.72
N ASP A 398 11.12 22.40 21.89
CA ASP A 398 9.70 22.35 22.22
C ASP A 398 9.11 23.75 22.35
N ARG A 399 9.91 24.72 22.79
CA ARG A 399 9.42 26.09 22.89
C ARG A 399 9.18 26.69 21.51
N ARG A 400 10.11 26.48 20.58
CA ARG A 400 9.92 26.97 19.23
C ARG A 400 8.67 26.37 18.59
N VAL A 401 8.51 25.05 18.74
CA VAL A 401 7.36 24.37 18.15
C VAL A 401 6.06 24.97 18.66
N LEU A 402 6.03 25.44 19.91
CA LEU A 402 4.81 25.94 20.51
C LEU A 402 4.64 27.44 20.37
N GLU A 403 5.73 28.19 20.23
CA GLU A 403 5.66 29.66 20.24
C GLU A 403 6.29 30.30 19.02
N THR A 404 7.41 29.78 18.53
CA THR A 404 8.12 30.40 17.43
C THR A 404 7.44 30.09 16.10
N GLU A 405 7.44 31.08 15.20
CA GLU A 405 6.93 30.91 13.85
C GLU A 405 8.11 30.67 12.91
N GLU A 406 8.09 29.54 12.21
CA GLU A 406 9.20 29.19 11.33
C GLU A 406 9.33 30.21 10.21
N VAL A 407 10.56 30.39 9.73
CA VAL A 407 10.86 31.29 8.63
C VAL A 407 11.28 30.45 7.43
N TYR A 408 11.07 31.00 6.25
CA TYR A 408 11.38 30.32 4.99
C TYR A 408 12.41 31.13 4.21
N SER A 409 12.88 30.54 3.11
CA SER A 409 13.95 31.10 2.30
C SER A 409 13.55 31.09 0.83
N HIS A 410 14.45 31.59 -0.01
CA HIS A 410 14.22 31.59 -1.45
C HIS A 410 14.17 30.19 -2.05
N LYS A 411 14.46 29.15 -1.27
CA LYS A 411 14.31 27.79 -1.76
C LYS A 411 12.85 27.40 -1.90
N PHE A 412 11.96 28.06 -1.15
CA PHE A 412 10.54 27.76 -1.20
C PHE A 412 9.85 28.67 -2.21
N SER A 413 9.09 28.07 -3.11
CA SER A 413 8.19 28.85 -3.95
C SER A 413 7.05 29.41 -3.09
N GLU A 414 6.26 30.31 -3.68
CA GLU A 414 5.13 30.86 -2.94
C GLU A 414 4.17 29.76 -2.51
N GLU A 415 3.97 28.75 -3.36
CA GLU A 415 3.09 27.64 -3.01
C GLU A 415 3.73 26.74 -1.95
N ALA A 416 5.04 26.52 -2.05
CA ALA A 416 5.72 25.69 -1.06
C ALA A 416 5.63 26.31 0.32
N LYS A 417 5.82 27.62 0.43
CA LYS A 417 5.66 28.30 1.71
C LYS A 417 4.25 28.07 2.27
N SER A 418 3.24 28.19 1.42
CA SER A 418 1.86 28.08 1.89
C SER A 418 1.60 26.72 2.52
N ILE A 419 1.85 25.64 1.77
CA ILE A 419 1.51 24.31 2.26
C ILE A 419 2.24 24.01 3.57
N CYS A 420 3.43 24.57 3.76
CA CYS A 420 4.18 24.31 4.98
C CYS A 420 3.57 25.02 6.17
N LYS A 421 3.41 26.35 6.08
CA LYS A 421 2.83 27.08 7.20
C LYS A 421 1.38 26.72 7.44
N MET A 422 0.72 26.09 6.47
CA MET A 422 -0.62 25.57 6.70
C MET A 422 -0.57 24.21 7.39
N LEU A 423 0.37 23.36 7.00
CA LEU A 423 0.55 22.09 7.69
C LEU A 423 1.24 22.25 9.04
N LEU A 424 1.93 23.37 9.25
CA LEU A 424 2.59 23.66 10.51
C LEU A 424 1.78 24.62 11.37
N THR A 425 0.46 24.64 11.19
CA THR A 425 -0.41 25.51 11.99
C THR A 425 -0.45 25.01 13.43
N LYS A 426 -0.10 25.90 14.36
CA LYS A 426 -0.04 25.51 15.77
C LYS A 426 -1.38 24.94 16.23
N ASP A 427 -2.48 25.57 15.82
CA ASP A 427 -3.82 25.14 16.22
C ASP A 427 -4.25 23.99 15.31
N ALA A 428 -4.31 22.78 15.85
CA ALA A 428 -4.64 21.61 15.04
C ALA A 428 -6.01 21.73 14.38
N LYS A 429 -6.88 22.59 14.90
CA LYS A 429 -8.22 22.71 14.34
C LYS A 429 -8.21 23.37 12.96
N GLN A 430 -7.22 24.24 12.71
CA GLN A 430 -7.11 24.93 11.43
C GLN A 430 -5.94 24.44 10.59
N ARG A 431 -5.37 23.28 10.94
CA ARG A 431 -4.24 22.74 10.21
C ARG A 431 -4.71 22.01 8.96
N LEU A 432 -3.95 22.18 7.87
CA LEU A 432 -4.36 21.61 6.60
C LEU A 432 -4.56 20.10 6.73
N GLY A 433 -5.60 19.60 6.06
CA GLY A 433 -5.93 18.19 6.10
C GLY A 433 -6.61 17.72 7.37
N CYS A 434 -6.60 18.53 8.43
CA CYS A 434 -7.23 18.16 9.71
C CYS A 434 -8.70 18.56 9.76
N GLN A 435 -9.37 18.59 8.61
CA GLN A 435 -10.78 18.91 8.52
C GLN A 435 -11.57 17.65 8.17
N GLU A 436 -12.88 17.81 7.99
CA GLU A 436 -13.73 16.68 7.64
C GLU A 436 -13.29 16.05 6.33
N GLU A 437 -12.72 16.83 5.41
CA GLU A 437 -12.40 16.30 4.09
C GLU A 437 -11.24 15.31 4.17
N GLY A 438 -10.17 15.68 4.87
CA GLY A 438 -9.04 14.80 5.04
C GLY A 438 -7.91 15.07 4.06
N ALA A 439 -7.29 13.99 3.55
CA ALA A 439 -6.13 14.15 2.68
C ALA A 439 -6.48 14.80 1.35
N ALA A 440 -7.75 14.74 0.93
CA ALA A 440 -8.13 15.38 -0.34
C ALA A 440 -7.90 16.88 -0.30
N GLU A 441 -8.01 17.50 0.88
CA GLU A 441 -7.77 18.94 1.00
C GLU A 441 -6.32 19.27 0.67
N VAL A 442 -5.39 18.36 0.97
CA VAL A 442 -3.98 18.65 0.78
C VAL A 442 -3.56 18.43 -0.68
N LYS A 443 -4.14 17.42 -1.34
CA LYS A 443 -3.78 17.17 -2.73
C LYS A 443 -4.20 18.32 -3.64
N ARG A 444 -5.24 19.05 -3.26
CA ARG A 444 -5.66 20.21 -4.04
C ARG A 444 -4.73 21.40 -3.85
N HIS A 445 -3.94 21.41 -2.78
CA HIS A 445 -3.15 22.59 -2.45
C HIS A 445 -2.33 23.02 -3.66
N PRO A 446 -2.22 24.34 -3.93
CA PRO A 446 -1.50 24.79 -5.13
C PRO A 446 -0.08 24.24 -5.22
N PHE A 447 0.49 23.80 -4.10
CA PHE A 447 1.82 23.21 -4.13
C PHE A 447 1.84 21.94 -4.97
N PHE A 448 0.74 21.19 -5.01
CA PHE A 448 0.60 20.01 -5.84
C PHE A 448 -0.16 20.31 -7.13
N ARG A 449 -0.10 21.55 -7.60
CA ARG A 449 -0.87 21.93 -8.79
C ARG A 449 -0.45 21.13 -10.01
N ASN A 450 0.80 20.67 -10.06
CA ASN A 450 1.33 19.96 -11.22
C ASN A 450 1.51 18.46 -10.97
N MET A 451 1.09 17.97 -9.81
CA MET A 451 1.20 16.55 -9.46
C MET A 451 -0.10 15.85 -9.80
N ASN A 452 -0.03 14.84 -10.66
CA ASN A 452 -1.18 14.02 -11.02
C ASN A 452 -1.18 12.80 -10.11
N PHE A 453 -1.94 12.89 -9.01
CA PHE A 453 -1.99 11.78 -8.07
C PHE A 453 -2.61 10.54 -8.68
N LYS A 454 -3.53 10.71 -9.64
CA LYS A 454 -4.07 9.56 -10.36
C LYS A 454 -2.96 8.77 -11.03
N ARG A 455 -1.94 9.47 -11.54
CA ARG A 455 -0.80 8.81 -12.16
C ARG A 455 0.28 8.42 -11.16
N LEU A 456 0.44 9.21 -10.09
CA LEU A 456 1.44 8.87 -9.07
C LEU A 456 1.07 7.58 -8.36
N GLU A 457 -0.22 7.40 -8.05
CA GLU A 457 -0.65 6.19 -7.35
C GLU A 457 -0.56 4.96 -8.22
N ALA A 458 -0.46 5.13 -9.54
CA ALA A 458 -0.30 4.03 -10.47
C ALA A 458 1.16 3.78 -10.85
N GLY A 459 2.10 4.44 -10.17
CA GLY A 459 3.50 4.31 -10.51
C GLY A 459 3.89 4.84 -11.86
N MET A 460 2.99 5.56 -12.53
CA MET A 460 3.29 6.07 -13.87
C MET A 460 4.44 7.07 -13.84
N LEU A 461 4.48 7.92 -12.81
CA LEU A 461 5.51 8.94 -12.71
C LEU A 461 6.82 8.34 -12.23
N ASP A 462 7.93 8.86 -12.77
CA ASP A 462 9.26 8.34 -12.46
C ASP A 462 9.83 9.05 -11.24
N PRO A 463 10.48 8.33 -10.32
CA PRO A 463 11.11 9.00 -9.17
C PRO A 463 12.23 9.91 -9.63
N PRO A 464 12.68 10.83 -8.77
CA PRO A 464 13.74 11.75 -9.18
C PRO A 464 15.13 11.18 -8.98
N PHE A 465 15.26 10.23 -8.06
CA PHE A 465 16.54 9.58 -7.78
C PHE A 465 16.33 8.08 -7.80
N VAL A 466 17.20 7.37 -8.54
CA VAL A 466 17.13 5.93 -8.69
C VAL A 466 18.35 5.33 -7.98
N PRO A 467 18.16 4.64 -6.85
CA PRO A 467 19.32 4.03 -6.17
C PRO A 467 19.98 2.99 -7.06
N ASP A 468 21.31 3.12 -7.22
CA ASP A 468 22.06 2.14 -7.99
C ASP A 468 21.94 0.78 -7.32
N PRO A 469 21.64 -0.30 -8.07
CA PRO A 469 21.46 -1.60 -7.42
C PRO A 469 22.64 -2.02 -6.54
N ARG A 470 23.86 -1.88 -7.05
CA ARG A 470 25.05 -2.31 -6.32
C ARG A 470 25.33 -1.45 -5.10
N ALA A 471 24.63 -0.34 -4.91
CA ALA A 471 24.90 0.57 -3.81
C ALA A 471 24.35 0.02 -2.50
N VAL A 472 25.11 0.21 -1.43
CA VAL A 472 24.68 -0.19 -0.10
C VAL A 472 24.52 1.06 0.76
N TYR A 473 23.38 1.72 0.63
CA TYR A 473 23.11 2.96 1.35
C TYR A 473 22.86 2.68 2.83
N LEU A 491 11.55 -18.39 30.12
CA LEU A 491 10.27 -18.71 29.48
C LEU A 491 9.21 -19.03 30.53
N ASP A 492 8.00 -19.30 30.07
CA ASP A 492 6.89 -19.65 30.96
C ASP A 492 5.76 -20.21 30.11
N HIS A 493 4.76 -20.78 30.78
CA HIS A 493 3.60 -21.31 30.09
C HIS A 493 2.67 -20.19 29.62
N THR A 494 2.57 -19.12 30.40
CA THR A 494 1.81 -17.96 29.98
C THR A 494 2.47 -17.32 28.76
N ASP A 495 1.74 -16.41 28.12
CA ASP A 495 2.20 -15.69 26.93
C ASP A 495 2.05 -16.55 25.68
N ASP A 496 1.91 -17.87 25.85
CA ASP A 496 1.58 -18.73 24.71
C ASP A 496 0.26 -18.34 24.08
N ASP A 497 -0.60 -17.64 24.81
CA ASP A 497 -1.88 -17.21 24.25
C ASP A 497 -1.68 -16.14 23.18
N PHE A 498 -0.89 -15.11 23.49
CA PHE A 498 -0.64 -14.05 22.53
C PHE A 498 0.33 -14.46 21.45
N TYR A 499 1.20 -15.44 21.70
CA TYR A 499 2.11 -15.90 20.66
C TYR A 499 1.34 -16.46 19.46
N SER A 500 0.19 -17.10 19.71
CA SER A 500 -0.64 -17.58 18.61
C SER A 500 -1.47 -16.45 18.00
N LYS A 501 -1.88 -15.47 18.82
CA LYS A 501 -2.58 -14.30 18.28
C LYS A 501 -1.68 -13.51 17.34
N PHE A 502 -0.36 -13.59 17.53
CA PHE A 502 0.59 -12.92 16.67
C PHE A 502 0.92 -13.77 15.44
N SER A 503 1.44 -14.98 15.67
CA SER A 503 1.82 -15.86 14.57
C SER A 503 0.60 -16.27 13.76
N THR A 504 0.01 -15.32 13.04
CA THR A 504 -1.18 -15.59 12.24
C THR A 504 -0.87 -16.21 10.88
N GLY A 505 0.38 -16.20 10.46
CA GLY A 505 0.76 -16.80 9.19
C GLY A 505 0.92 -15.78 8.08
N SER A 506 0.64 -16.20 6.85
CA SER A 506 0.79 -15.32 5.70
C SER A 506 -0.39 -14.36 5.60
N VAL A 507 -0.14 -13.20 4.99
CA VAL A 507 -1.18 -12.21 4.72
C VAL A 507 -1.69 -12.44 3.30
N SER A 508 -3.01 -12.27 3.14
CA SER A 508 -3.68 -12.74 1.93
C SER A 508 -3.18 -12.00 0.69
N ILE A 509 -3.34 -10.69 0.65
CA ILE A 509 -3.07 -9.92 -0.56
C ILE A 509 -1.58 -9.92 -0.88
N PRO A 510 -0.69 -9.65 0.08
CA PRO A 510 0.74 -9.73 -0.24
C PRO A 510 1.18 -11.10 -0.72
N TRP A 511 0.61 -12.16 -0.17
CA TRP A 511 0.99 -13.51 -0.60
C TRP A 511 0.58 -13.75 -2.04
N GLN A 512 -0.63 -13.36 -2.41
CA GLN A 512 -1.08 -13.54 -3.79
C GLN A 512 -0.27 -12.69 -4.75
N ASN A 513 0.12 -11.48 -4.33
CA ASN A 513 1.01 -10.67 -5.15
C ASN A 513 2.36 -11.35 -5.33
N GLU A 514 2.93 -11.88 -4.25
CA GLU A 514 4.21 -12.58 -4.35
C GLU A 514 4.15 -13.68 -5.39
N MET A 515 3.06 -14.46 -5.39
CA MET A 515 2.95 -15.55 -6.36
C MET A 515 2.90 -15.02 -7.78
N ILE A 516 2.33 -13.84 -7.99
CA ILE A 516 2.21 -13.30 -9.33
C ILE A 516 3.54 -12.68 -9.78
N GLU A 517 4.16 -11.88 -8.91
CA GLU A 517 5.42 -11.23 -9.27
C GLU A 517 6.48 -12.26 -9.63
N THR A 518 6.68 -13.25 -8.76
CA THR A 518 7.69 -14.27 -8.98
C THR A 518 7.36 -15.20 -10.14
N GLU A 519 6.19 -15.05 -10.76
CA GLU A 519 5.75 -15.89 -11.88
C GLU A 519 5.45 -17.32 -11.46
N CYS A 520 5.22 -17.54 -10.16
CA CYS A 520 4.75 -18.86 -9.73
C CYS A 520 3.31 -19.10 -10.16
N PHE A 521 2.49 -18.05 -10.22
CA PHE A 521 1.11 -18.19 -10.64
C PHE A 521 1.03 -18.65 -12.09
N LYS A 522 1.74 -17.95 -12.98
CA LYS A 522 1.66 -18.26 -14.40
C LYS A 522 2.09 -19.70 -14.67
N GLU A 523 3.21 -20.13 -14.07
CA GLU A 523 3.72 -21.47 -14.33
C GLU A 523 2.81 -22.53 -13.74
N LEU A 524 2.27 -22.29 -12.54
CA LEU A 524 1.47 -23.32 -11.89
C LEU A 524 0.01 -23.27 -12.35
N ASN A 525 -0.53 -22.08 -12.57
CA ASN A 525 -1.93 -21.93 -12.94
C ASN A 525 -2.18 -22.45 -14.36
N VAL A 526 -2.06 -23.76 -14.54
CA VAL A 526 -2.20 -24.39 -15.85
C VAL A 526 -3.38 -25.36 -15.79
N PHE A 527 -4.30 -25.21 -16.73
CA PHE A 527 -5.47 -26.05 -16.82
C PHE A 527 -5.23 -27.17 -17.83
N GLY A 528 -6.29 -27.92 -18.14
CA GLY A 528 -6.21 -28.97 -19.13
C GLY A 528 -6.24 -28.41 -20.54
N PRO A 529 -5.79 -29.19 -21.51
CA PRO A 529 -5.70 -28.68 -22.89
C PRO A 529 -7.08 -28.43 -23.48
N ASN A 530 -7.25 -27.24 -24.06
CA ASN A 530 -8.48 -26.87 -24.76
C ASN A 530 -9.68 -26.85 -23.80
N GLY A 531 -9.52 -26.13 -22.70
CA GLY A 531 -10.58 -26.00 -21.73
C GLY A 531 -11.04 -27.33 -21.16
N THR A 532 -10.13 -28.03 -20.50
CA THR A 532 -10.41 -29.32 -19.90
C THR A 532 -9.96 -29.31 -18.44
N LEU A 533 -10.70 -30.01 -17.60
CA LEU A 533 -10.36 -30.08 -16.19
C LEU A 533 -9.03 -30.79 -16.00
N PRO A 534 -8.02 -30.14 -15.41
CA PRO A 534 -6.79 -30.86 -15.09
C PRO A 534 -7.04 -31.89 -14.01
N PRO A 535 -6.07 -32.78 -13.75
CA PRO A 535 -6.31 -33.82 -12.75
C PRO A 535 -6.67 -33.28 -11.38
N ASP A 536 -6.03 -32.18 -10.97
CA ASP A 536 -6.26 -31.65 -9.63
C ASP A 536 -7.63 -30.99 -9.50
N LEU A 537 -8.30 -30.68 -10.61
CA LEU A 537 -9.63 -30.08 -10.58
C LEU A 537 -10.73 -31.05 -10.97
N ASN A 538 -10.41 -32.32 -11.23
CA ASN A 538 -11.40 -33.34 -11.55
C ASN A 538 -11.60 -34.24 -10.35
N ARG A 539 -12.86 -34.39 -9.93
CA ARG A 539 -13.17 -35.15 -8.73
C ARG A 539 -13.28 -36.65 -9.00
N ASN A 540 -13.45 -37.05 -10.26
CA ASN A 540 -13.68 -38.47 -10.57
C ASN A 540 -12.44 -39.33 -10.30
N HIS A 541 -11.25 -38.74 -10.27
CA HIS A 541 -10.05 -39.51 -10.05
C HIS A 541 -9.06 -38.74 -9.18
N PRO A 542 -8.84 -39.15 -7.92
CA PRO A 542 -7.83 -38.49 -7.08
C PRO A 542 -6.46 -39.16 -7.17
P PO4 B . 17.35 -25.94 -1.84
O1 PO4 B . 17.21 -27.49 -1.65
O2 PO4 B . 16.12 -25.22 -1.20
O3 PO4 B . 18.67 -25.46 -1.15
O4 PO4 B . 17.41 -25.60 -3.37
MN MN C . 12.15 1.67 13.87
PG ATP D . 12.24 3.05 16.36
O1G ATP D . 12.57 2.85 17.77
O2G ATP D . 11.53 1.82 15.84
O3G ATP D . 11.31 4.29 16.20
PB ATP D . 14.62 2.05 14.97
O1B ATP D . 15.10 2.36 13.55
O2B ATP D . 15.84 1.92 15.92
O3B ATP D . 13.63 3.29 15.50
PA ATP D . 13.67 -0.42 13.69
O1A ATP D . 13.08 0.29 12.51
O2A ATP D . 12.79 -1.60 14.06
O3A ATP D . 13.75 0.61 14.97
O5' ATP D . 15.14 -0.96 13.31
C5' ATP D . 15.26 -1.86 12.29
C4' ATP D . 16.35 -1.34 11.34
O4' ATP D . 16.44 -2.32 10.01
C3' ATP D . 16.04 -0.15 10.89
O3' ATP D . 16.59 0.90 11.79
C2' ATP D . 16.74 -0.08 9.48
O2' ATP D . 18.05 0.27 9.59
C1' ATP D . 16.62 -1.54 8.94
N9 ATP D . 15.42 -1.64 8.04
C8 ATP D . 14.21 -1.14 8.28
N7 ATP D . 13.42 -1.41 7.27
C5 ATP D . 14.12 -2.10 6.36
C6 ATP D . 13.80 -2.64 5.12
N6 ATP D . 12.46 -2.50 4.58
N1 ATP D . 14.74 -3.27 4.46
C2 ATP D . 15.97 -3.39 4.95
N3 ATP D . 16.30 -2.89 6.12
C4 ATP D . 15.41 -2.24 6.84
H5'1 ATP D . 15.55 -2.79 12.68
H5'2 ATP D . 14.35 -1.94 11.79
H4' ATP D . 17.29 -1.31 11.83
H3' ATP D . 14.95 -0.02 10.81
HO3' ATP D . 16.66 0.54 12.73
H2' ATP D . 16.20 0.65 8.80
HO2' ATP D . 18.61 -0.56 9.77
H1' ATP D . 17.57 -1.83 8.41
H8 ATP D . 13.93 -0.61 9.16
HN61 ATP D . 11.97 -1.65 4.68
HN62 ATP D . 12.00 -3.33 4.08
H2 ATP D . 16.76 -3.95 4.33
#